data_7OMT
#
_entry.id   7OMT
#
_cell.length_a   51.897
_cell.length_b   87.624
_cell.length_c   118.635
_cell.angle_alpha   90.000
_cell.angle_beta   99.076
_cell.angle_gamma   90.000
#
_symmetry.space_group_name_H-M   'I 1 2 1'
#
loop_
_entity.id
_entity.type
_entity.pdbx_description
1 polymer 'ProMacrobody 21'
2 branched alpha-D-glucopyranose-(1-4)-alpha-D-glucopyranose
3 non-polymer 'HEXAETHYLENE GLYCOL'
4 non-polymer 'MAGNESIUM ION'
5 water water
#
_entity_poly.entity_id   1
_entity_poly.type   'polypeptide(L)'
_entity_poly.pdbx_seq_one_letter_code
;GPSQVQLVESGGGLVQPGGSLRLSCAASGFPVKYEHMYWYRQAPGKEREWVAAINSAGNETHYADSVKGRFTISRDNAKN
TVYLQMNSLKPEDTAVYYCNVKDIGWWAAYDYWGQGTQVTVPPLVIWINGDKGYNGLAEVGKKFEKDTGIKVTVEHPDKL
EEKFPQVAATGDGPDIIFWAHDRFGGYAQSGLLAEITPDKAFQDKLYPFTWDAVRYNGKLIAYPIAVEALSLIYNKDLLP
NPPKTWEEIPALDKELKAKGKSALMFNLQEPYFTWPLIAADGGYAFKYENGKYDIKDVGVDNAGAKAGLTFLVDLIKNKH
MNADTDYSIAEAAFNKGETAMTINGPWAWSNIDTSKVNYGVTVLPTFKGQPSKPFVGVLSAGINAASPNKELAKEFLENY
LLTDEGLEAVNKDKPLGAVALKSYEEELAKDPRIAATMENAQKGEIMPNIPQMSAFWYAVRTAVINAASGRQTVDEALKD
AQTPGSGGGSAWSHPQFEKGGGSGGGSGGSAWSHPQFEKA
;
_entity_poly.pdbx_strand_id   A
#
# COMPACT_ATOMS: atom_id res chain seq x y z
N GLY A 1 8.77 44.44 -42.95
CA GLY A 1 9.24 44.15 -41.60
C GLY A 1 9.86 42.77 -41.48
N PRO A 2 10.40 42.45 -40.31
CA PRO A 2 11.04 41.14 -40.11
C PRO A 2 10.02 40.02 -40.01
N SER A 3 10.52 38.78 -40.10
CA SER A 3 9.72 37.62 -39.71
C SER A 3 9.73 37.57 -38.20
N GLN A 4 8.56 37.83 -37.60
CA GLN A 4 8.29 37.63 -36.18
C GLN A 4 7.14 36.63 -36.02
N VAL A 5 7.20 35.57 -36.82
CA VAL A 5 6.29 34.44 -36.64
C VAL A 5 6.45 33.91 -35.24
N GLN A 6 5.34 33.78 -34.52
CA GLN A 6 5.38 33.26 -33.16
C GLN A 6 4.09 32.50 -32.84
N LEU A 7 4.25 31.34 -32.18
CA LEU A 7 3.16 30.50 -31.69
C LEU A 7 3.40 30.30 -30.21
N VAL A 8 2.38 30.54 -29.40
CA VAL A 8 2.49 30.51 -27.96
C VAL A 8 1.38 29.61 -27.44
N GLU A 9 1.75 28.41 -26.99
CA GLU A 9 0.78 27.55 -26.32
C GLU A 9 0.58 28.00 -24.88
N SER A 10 -0.63 27.80 -24.38
CA SER A 10 -0.92 28.01 -22.98
C SER A 10 -2.06 27.08 -22.57
N GLY A 11 -2.31 27.02 -21.27
CA GLY A 11 -3.44 26.28 -20.80
C GLY A 11 -3.13 24.88 -20.28
N GLY A 12 -1.90 24.41 -20.43
CA GLY A 12 -1.58 23.12 -19.90
C GLY A 12 -1.64 23.10 -18.38
N GLY A 13 -1.42 21.91 -17.82
CA GLY A 13 -1.43 21.79 -16.37
C GLY A 13 -1.60 20.34 -15.96
N LEU A 14 -2.06 20.19 -14.72
CA LEU A 14 -2.31 18.90 -14.09
C LEU A 14 -3.80 18.57 -14.16
N VAL A 15 -4.16 17.30 -14.45
CA VAL A 15 -5.58 16.94 -14.48
C VAL A 15 -5.70 15.44 -14.17
N GLN A 16 -6.80 15.07 -13.53
CA GLN A 16 -6.93 13.68 -13.11
C GLN A 16 -7.47 12.88 -14.28
N PRO A 17 -7.27 11.56 -14.26
CA PRO A 17 -7.88 10.69 -15.28
C PRO A 17 -9.39 10.90 -15.42
N GLY A 18 -9.87 11.00 -16.66
CA GLY A 18 -11.25 11.30 -16.91
C GLY A 18 -11.55 12.78 -17.01
N GLY A 19 -10.59 13.63 -16.66
CA GLY A 19 -10.80 15.06 -16.65
C GLY A 19 -10.58 15.71 -18.02
N SER A 20 -10.70 17.04 -18.01
CA SER A 20 -10.76 17.86 -19.21
C SER A 20 -9.80 19.01 -19.04
N LEU A 21 -9.20 19.47 -20.15
CA LEU A 21 -8.33 20.63 -20.16
C LEU A 21 -8.47 21.32 -21.51
N ARG A 22 -8.46 22.65 -21.53
CA ARG A 22 -8.50 23.38 -22.79
C ARG A 22 -7.16 24.07 -23.06
N LEU A 23 -6.44 23.61 -24.10
CA LEU A 23 -5.23 24.30 -24.55
C LEU A 23 -5.56 25.40 -25.55
N SER A 24 -4.70 26.41 -25.58
CA SER A 24 -4.82 27.46 -26.58
CA SER A 24 -4.81 27.51 -26.53
C SER A 24 -3.45 27.76 -27.17
N CYS A 25 -3.48 28.30 -28.37
CA CYS A 25 -2.28 28.63 -29.15
C CYS A 25 -2.51 29.99 -29.77
N ALA A 26 -1.79 31.00 -29.28
CA ALA A 26 -1.84 32.34 -29.82
C ALA A 26 -0.81 32.49 -30.95
N ALA A 27 -1.28 32.85 -32.14
CA ALA A 27 -0.44 32.94 -33.33
C ALA A 27 -0.29 34.39 -33.74
N SER A 28 0.96 34.80 -34.05
CA SER A 28 1.23 36.15 -34.51
C SER A 28 2.34 36.12 -35.54
N GLY A 29 2.45 37.23 -36.29
CA GLY A 29 3.52 37.46 -37.22
C GLY A 29 3.32 36.89 -38.60
N PHE A 30 2.12 36.45 -38.94
CA PHE A 30 1.82 35.88 -40.24
C PHE A 30 0.31 35.84 -40.40
N PRO A 31 -0.19 35.83 -41.64
CA PRO A 31 -1.64 35.82 -41.84
C PRO A 31 -2.27 34.51 -41.43
N VAL A 32 -2.37 34.29 -40.11
CA VAL A 32 -3.02 33.12 -39.52
C VAL A 32 -4.36 32.83 -40.16
N LYS A 33 -5.08 33.89 -40.56
CA LYS A 33 -6.40 33.75 -41.16
C LYS A 33 -6.41 32.67 -42.24
N TYR A 34 -5.32 32.54 -42.98
CA TYR A 34 -5.29 31.72 -44.17
C TYR A 34 -4.63 30.36 -43.97
N GLU A 35 -4.16 30.05 -42.76
CA GLU A 35 -3.37 28.85 -42.54
C GLU A 35 -4.15 27.77 -41.81
N HIS A 36 -3.92 26.53 -42.22
CA HIS A 36 -4.19 25.38 -41.40
C HIS A 36 -3.31 25.41 -40.17
N MET A 37 -3.89 25.02 -39.03
CA MET A 37 -3.15 24.98 -37.78
C MET A 37 -3.24 23.58 -37.21
N TYR A 38 -2.15 23.13 -36.55
CA TYR A 38 -2.01 21.75 -36.10
C TYR A 38 -1.58 21.69 -34.64
N TRP A 39 -2.00 20.63 -33.96
CA TRP A 39 -1.54 20.27 -32.63
C TRP A 39 -0.82 18.95 -32.73
N TYR A 40 0.31 18.88 -32.01
CA TYR A 40 1.18 17.74 -31.87
C TYR A 40 1.46 17.56 -30.39
N ARG A 41 2.05 16.41 -30.05
CA ARG A 41 2.50 16.24 -28.68
C ARG A 41 3.74 15.37 -28.68
N GLN A 42 4.55 15.54 -27.64
CA GLN A 42 5.77 14.76 -27.46
C GLN A 42 5.94 14.42 -26.00
N ALA A 43 6.12 13.15 -25.71
CA ALA A 43 6.44 12.69 -24.37
C ALA A 43 7.89 12.22 -24.31
N PRO A 44 8.51 12.24 -23.13
CA PRO A 44 9.92 11.81 -23.03
C PRO A 44 10.03 10.32 -23.28
N GLY A 45 10.95 9.95 -24.16
CA GLY A 45 11.10 8.56 -24.50
C GLY A 45 10.12 8.07 -25.57
N LYS A 46 9.26 8.94 -26.06
CA LYS A 46 8.40 8.63 -27.19
C LYS A 46 8.66 9.64 -28.30
N GLU A 47 8.39 9.23 -29.54
CA GLU A 47 8.45 10.13 -30.67
C GLU A 47 7.25 11.07 -30.68
N ARG A 48 7.44 12.24 -31.31
CA ARG A 48 6.37 13.22 -31.38
C ARG A 48 5.24 12.69 -32.24
N GLU A 49 3.99 12.96 -31.82
CA GLU A 49 2.85 12.46 -32.56
C GLU A 49 1.89 13.60 -32.88
N TRP A 50 1.39 13.59 -34.11
CA TRP A 50 0.35 14.50 -34.51
C TRP A 50 -0.92 14.20 -33.71
N VAL A 51 -1.74 15.24 -33.45
CA VAL A 51 -2.94 15.13 -32.62
C VAL A 51 -4.17 15.66 -33.37
N ALA A 52 -4.10 16.87 -33.92
CA ALA A 52 -5.28 17.42 -34.57
C ALA A 52 -4.91 18.53 -35.54
N ALA A 53 -5.86 18.89 -36.41
CA ALA A 53 -5.68 19.94 -37.42
C ALA A 53 -7.02 20.63 -37.69
N ILE A 54 -6.94 21.92 -38.05
CA ILE A 54 -8.13 22.71 -38.36
C ILE A 54 -7.84 23.67 -39.52
N ASN A 55 -8.80 23.80 -40.43
CA ASN A 55 -8.66 24.66 -41.59
C ASN A 55 -8.80 26.14 -41.21
N SER A 56 -8.71 26.98 -42.21
CA SER A 56 -8.63 28.42 -41.98
C SER A 56 -9.90 28.95 -41.32
N ALA A 57 -11.07 28.60 -41.86
CA ALA A 57 -12.31 29.15 -41.34
C ALA A 57 -12.68 28.48 -40.02
N GLY A 58 -12.47 27.18 -39.91
CA GLY A 58 -12.84 26.41 -38.72
C GLY A 58 -13.85 25.31 -38.98
N ASN A 59 -14.29 25.10 -40.22
CA ASN A 59 -15.34 24.12 -40.51
C ASN A 59 -14.80 22.73 -40.86
N GLU A 60 -13.50 22.60 -41.13
CA GLU A 60 -12.90 21.33 -41.46
C GLU A 60 -11.88 21.00 -40.38
N THR A 61 -11.93 19.77 -39.89
CA THR A 61 -11.32 19.41 -38.64
C THR A 61 -10.91 17.94 -38.68
N HIS A 62 -9.70 17.63 -38.20
CA HIS A 62 -9.20 16.26 -38.28
C HIS A 62 -8.43 15.87 -37.02
N TYR A 63 -8.40 14.56 -36.72
CA TYR A 63 -7.89 14.04 -35.44
C TYR A 63 -7.14 12.73 -35.62
N ALA A 64 -6.05 12.59 -34.87
CA ALA A 64 -5.41 11.28 -34.72
C ALA A 64 -6.40 10.28 -34.17
N ASP A 65 -6.16 9.01 -34.48
CA ASP A 65 -6.98 7.94 -33.95
C ASP A 65 -6.86 7.86 -32.44
N SER A 66 -5.69 8.19 -31.88
CA SER A 66 -5.50 8.03 -30.43
C SER A 66 -6.31 9.03 -29.60
N VAL A 67 -6.82 10.09 -30.22
CA VAL A 67 -7.60 11.10 -29.53
C VAL A 67 -8.98 11.29 -30.13
N LYS A 68 -9.28 10.59 -31.22
CA LYS A 68 -10.56 10.73 -31.89
C LYS A 68 -11.70 10.45 -30.91
N GLY A 69 -12.69 11.33 -30.93
CA GLY A 69 -13.81 11.24 -30.03
C GLY A 69 -13.60 11.85 -28.66
N ARG A 70 -12.36 12.17 -28.28
CA ARG A 70 -12.09 12.78 -26.99
C ARG A 70 -11.65 14.25 -27.09
N PHE A 71 -10.95 14.64 -28.16
CA PHE A 71 -10.44 16.00 -28.34
C PHE A 71 -11.25 16.75 -29.41
N THR A 72 -11.26 18.07 -29.30
CA THR A 72 -11.94 18.92 -30.27
C THR A 72 -11.07 20.13 -30.52
N ILE A 73 -10.68 20.35 -31.77
CA ILE A 73 -9.90 21.52 -32.15
C ILE A 73 -10.84 22.61 -32.64
N SER A 74 -10.52 23.85 -32.30
CA SER A 74 -11.35 24.99 -32.69
C SER A 74 -10.46 26.18 -32.95
N ARG A 75 -11.03 27.28 -33.45
CA ARG A 75 -10.21 28.48 -33.64
C ARG A 75 -11.08 29.73 -33.65
N ASP A 76 -10.47 30.84 -33.20
CA ASP A 76 -11.10 32.17 -33.19
C ASP A 76 -10.18 33.13 -33.93
N ASN A 77 -10.61 33.57 -35.09
CA ASN A 77 -9.78 34.39 -35.97
C ASN A 77 -9.76 35.85 -35.54
N ALA A 78 -10.72 36.31 -34.73
CA ALA A 78 -10.58 37.63 -34.12
C ALA A 78 -9.35 37.72 -33.22
N LYS A 79 -8.96 36.60 -32.56
CA LYS A 79 -7.82 36.58 -31.66
C LYS A 79 -6.62 35.82 -32.22
N ASN A 80 -6.71 35.34 -33.45
CA ASN A 80 -5.68 34.51 -34.07
C ASN A 80 -5.24 33.41 -33.12
N THR A 81 -6.25 32.74 -32.51
CA THR A 81 -6.02 31.70 -31.49
C THR A 81 -6.65 30.38 -31.93
N VAL A 82 -5.94 29.26 -31.70
CA VAL A 82 -6.50 27.94 -31.96
C VAL A 82 -6.53 27.14 -30.66
N TYR A 83 -7.55 26.33 -30.50
CA TYR A 83 -7.87 25.72 -29.21
C TYR A 83 -7.88 24.21 -29.37
N LEU A 84 -7.51 23.52 -28.29
CA LEU A 84 -7.61 22.05 -28.23
C LEU A 84 -8.33 21.70 -26.93
N GLN A 85 -9.63 21.39 -27.06
CA GLN A 85 -10.43 20.90 -25.94
C GLN A 85 -10.16 19.41 -25.79
N MET A 86 -9.61 19.00 -24.65
CA MET A 86 -9.22 17.64 -24.38
C MET A 86 -10.12 17.11 -23.28
N ASN A 87 -10.82 16.02 -23.55
CA ASN A 87 -11.74 15.37 -22.61
C ASN A 87 -11.30 13.93 -22.44
N SER A 88 -11.84 13.30 -21.39
CA SER A 88 -11.57 11.90 -21.03
C SER A 88 -10.08 11.62 -21.06
N LEU A 89 -9.33 12.50 -20.41
CA LEU A 89 -7.88 12.42 -20.46
C LEU A 89 -7.41 11.17 -19.73
N LYS A 90 -6.19 10.72 -20.04
CA LYS A 90 -5.66 9.50 -19.45
C LYS A 90 -4.18 9.69 -19.16
N PRO A 91 -3.59 8.89 -18.26
CA PRO A 91 -2.12 9.03 -18.05
C PRO A 91 -1.32 8.98 -19.35
N GLU A 92 -1.77 8.15 -20.28
CA GLU A 92 -1.10 8.01 -21.56
C GLU A 92 -1.04 9.33 -22.32
N ASP A 93 -1.90 10.29 -21.98
CA ASP A 93 -1.94 11.57 -22.68
C ASP A 93 -0.91 12.57 -22.15
N THR A 94 -0.21 12.24 -21.06
CA THR A 94 0.85 13.11 -20.54
C THR A 94 1.90 13.42 -21.61
N ALA A 95 2.21 14.71 -21.77
CA ALA A 95 3.10 15.12 -22.85
C ALA A 95 3.21 16.63 -22.85
N VAL A 96 4.19 17.13 -23.61
CA VAL A 96 4.24 18.52 -23.98
C VAL A 96 3.45 18.65 -25.27
N TYR A 97 2.50 19.57 -25.30
CA TYR A 97 1.64 19.78 -26.44
C TYR A 97 2.12 21.00 -27.19
N TYR A 98 2.25 20.84 -28.50
CA TYR A 98 2.78 21.88 -29.36
C TYR A 98 1.76 22.26 -30.43
N CYS A 99 1.77 23.54 -30.75
N CYS A 99 1.70 23.54 -30.75
CA CYS A 99 1.10 24.10 -31.91
CA CYS A 99 0.98 23.94 -31.96
C CYS A 99 2.07 24.16 -33.07
C CYS A 99 1.97 24.30 -33.05
N ASN A 100 1.53 24.08 -34.28
CA ASN A 100 2.41 24.03 -35.45
C ASN A 100 1.68 24.58 -36.67
N VAL A 101 2.43 25.30 -37.51
CA VAL A 101 1.94 25.73 -38.81
C VAL A 101 3.00 25.36 -39.84
N LYS A 102 2.55 25.15 -41.08
CA LYS A 102 3.42 24.61 -42.11
C LYS A 102 3.44 25.48 -43.35
N ASP A 103 4.61 25.49 -44.00
CA ASP A 103 4.82 26.04 -45.34
C ASP A 103 4.42 27.51 -45.41
N ILE A 104 5.01 28.30 -44.52
CA ILE A 104 4.85 29.74 -44.49
C ILE A 104 6.21 30.40 -44.44
N GLY A 105 6.25 31.68 -44.11
CA GLY A 105 7.49 32.39 -44.04
C GLY A 105 7.97 32.69 -45.44
N TRP A 106 9.24 33.07 -45.51
CA TRP A 106 9.88 33.38 -46.78
C TRP A 106 9.82 32.18 -47.72
N TRP A 107 9.36 32.43 -48.94
CA TRP A 107 9.23 31.43 -50.01
C TRP A 107 8.22 30.34 -49.69
N ALA A 108 7.36 30.59 -48.70
CA ALA A 108 6.34 29.64 -48.20
C ALA A 108 6.96 28.28 -47.85
N ALA A 109 8.15 28.30 -47.29
CA ALA A 109 8.95 27.09 -47.25
C ALA A 109 9.30 26.65 -45.83
N TYR A 110 8.76 27.30 -44.79
CA TYR A 110 9.19 27.02 -43.43
C TYR A 110 8.01 26.68 -42.52
N ASP A 111 8.29 25.80 -41.57
CA ASP A 111 7.36 25.39 -40.52
C ASP A 111 7.78 26.02 -39.21
N TYR A 112 6.80 26.33 -38.36
CA TYR A 112 7.05 26.96 -37.08
C TYR A 112 6.33 26.21 -35.96
N TRP A 113 6.97 26.19 -34.80
CA TRP A 113 6.44 25.49 -33.65
C TRP A 113 6.42 26.43 -32.46
N GLY A 114 5.42 26.28 -31.58
CA GLY A 114 5.44 26.99 -30.32
C GLY A 114 6.42 26.36 -29.35
N GLN A 115 6.54 26.97 -28.18
CA GLN A 115 7.50 26.38 -27.23
C GLN A 115 6.93 25.18 -26.49
N GLY A 116 5.62 25.00 -26.50
CA GLY A 116 5.02 23.82 -25.90
C GLY A 116 4.44 24.12 -24.54
N THR A 117 3.41 23.36 -24.17
CA THR A 117 2.82 23.47 -22.84
C THR A 117 2.61 22.07 -22.25
N GLN A 118 2.92 21.92 -20.97
CA GLN A 118 2.93 20.59 -20.38
C GLN A 118 1.53 20.16 -19.91
N VAL A 119 1.10 18.95 -20.27
CA VAL A 119 -0.11 18.31 -19.77
C VAL A 119 0.28 17.04 -19.00
N THR A 120 -0.15 16.93 -17.74
CA THR A 120 0.26 15.82 -16.86
C THR A 120 -0.94 15.21 -16.23
N VAL A 121 -1.17 13.94 -16.56
CA VAL A 121 -2.29 13.17 -16.08
C VAL A 121 -1.73 12.03 -15.22
N PRO A 122 -1.67 12.19 -13.89
CA PRO A 122 -1.03 11.14 -13.05
C PRO A 122 -1.81 9.83 -13.07
N PRO A 123 -1.11 8.70 -12.94
CA PRO A 123 -1.79 7.42 -12.73
C PRO A 123 -2.61 7.40 -11.45
N LEU A 124 -3.50 6.41 -11.37
CA LEU A 124 -4.04 5.98 -10.08
C LEU A 124 -2.89 5.46 -9.23
N VAL A 125 -2.70 6.02 -8.03
CA VAL A 125 -1.56 5.68 -7.17
C VAL A 125 -2.03 4.87 -5.98
N ILE A 126 -1.34 3.75 -5.72
CA ILE A 126 -1.58 2.86 -4.60
C ILE A 126 -0.32 2.84 -3.75
N TRP A 127 -0.48 2.96 -2.43
CA TRP A 127 0.59 2.72 -1.45
C TRP A 127 0.31 1.44 -0.70
N ILE A 128 1.30 0.55 -0.61
CA ILE A 128 1.19 -0.68 0.18
C ILE A 128 2.55 -0.93 0.81
N ASN A 129 2.58 -1.64 1.95
CA ASN A 129 3.86 -1.85 2.63
C ASN A 129 4.84 -2.69 1.81
N GLY A 130 6.13 -2.44 1.99
CA GLY A 130 7.16 -3.15 1.25
C GLY A 130 7.26 -4.65 1.48
N ASP A 131 6.64 -5.20 2.53
CA ASP A 131 6.75 -6.64 2.73
C ASP A 131 5.59 -7.42 2.12
N LYS A 132 4.69 -6.74 1.38
CA LYS A 132 3.51 -7.35 0.78
C LYS A 132 3.77 -7.58 -0.72
N GLY A 133 2.82 -8.22 -1.39
CA GLY A 133 2.97 -8.54 -2.79
C GLY A 133 2.72 -7.36 -3.74
N TYR A 134 3.58 -6.32 -3.72
CA TYR A 134 3.29 -5.14 -4.55
C TYR A 134 3.49 -5.40 -6.04
N ASN A 135 4.32 -6.37 -6.41
CA ASN A 135 4.45 -6.74 -7.83
C ASN A 135 3.21 -7.48 -8.31
N GLY A 136 2.63 -8.32 -7.47
CA GLY A 136 1.38 -8.97 -7.84
C GLY A 136 0.24 -7.96 -7.94
N LEU A 137 0.27 -6.96 -7.05
CA LEU A 137 -0.75 -5.93 -7.10
C LEU A 137 -0.58 -5.07 -8.35
N ALA A 138 0.69 -4.81 -8.77
CA ALA A 138 0.90 -4.07 -10.00
C ALA A 138 0.43 -4.87 -11.22
N GLU A 139 0.48 -6.20 -11.17
CA GLU A 139 -0.14 -6.99 -12.24
C GLU A 139 -1.66 -6.79 -12.27
N VAL A 140 -2.30 -6.74 -11.09
CA VAL A 140 -3.71 -6.36 -11.08
C VAL A 140 -3.90 -5.00 -11.74
N GLY A 141 -2.98 -4.07 -11.44
CA GLY A 141 -3.04 -2.73 -12.04
C GLY A 141 -2.87 -2.73 -13.55
N LYS A 142 -2.03 -3.63 -14.06
CA LYS A 142 -1.85 -3.76 -15.51
C LYS A 142 -3.14 -4.23 -16.17
N LYS A 143 -3.88 -5.13 -15.52
CA LYS A 143 -5.16 -5.55 -16.09
C LYS A 143 -6.16 -4.40 -16.09
N PHE A 144 -6.23 -3.70 -14.96
CA PHE A 144 -7.05 -2.49 -14.88
C PHE A 144 -6.74 -1.52 -16.01
N GLU A 145 -5.46 -1.29 -16.29
CA GLU A 145 -5.06 -0.37 -17.34
C GLU A 145 -5.46 -0.89 -18.70
N LYS A 146 -5.27 -2.19 -18.92
CA LYS A 146 -5.70 -2.79 -20.18
C LYS A 146 -7.18 -2.51 -20.43
N ASP A 147 -8.02 -2.72 -19.42
CA ASP A 147 -9.46 -2.60 -19.58
C ASP A 147 -9.91 -1.16 -19.66
N THR A 148 -9.29 -0.26 -18.89
CA THR A 148 -9.79 1.10 -18.75
C THR A 148 -8.94 2.14 -19.46
N GLY A 149 -7.72 1.82 -19.85
CA GLY A 149 -6.84 2.84 -20.40
C GLY A 149 -6.18 3.70 -19.35
N ILE A 150 -6.39 3.44 -18.06
CA ILE A 150 -5.86 4.25 -16.97
C ILE A 150 -4.74 3.48 -16.31
N LYS A 151 -3.54 4.05 -16.35
CA LYS A 151 -2.37 3.50 -15.68
C LYS A 151 -2.53 3.49 -14.16
N VAL A 152 -1.97 2.45 -13.55
CA VAL A 152 -1.94 2.26 -12.09
C VAL A 152 -0.47 2.11 -11.66
N THR A 153 -0.06 2.87 -10.63
CA THR A 153 1.28 2.73 -10.05
C THR A 153 1.17 2.23 -8.61
N VAL A 154 1.97 1.24 -8.24
CA VAL A 154 2.03 0.80 -6.85
C VAL A 154 3.37 1.24 -6.29
N GLU A 155 3.34 2.01 -5.20
CA GLU A 155 4.54 2.43 -4.50
C GLU A 155 4.54 1.79 -3.11
N HIS A 156 5.74 1.57 -2.54
CA HIS A 156 5.84 1.06 -1.18
C HIS A 156 6.76 1.96 -0.36
N PRO A 157 6.26 3.12 0.07
CA PRO A 157 7.11 4.03 0.82
C PRO A 157 7.49 3.44 2.17
N ASP A 158 8.70 3.77 2.59
CA ASP A 158 9.13 3.52 3.96
C ASP A 158 8.23 4.30 4.91
N LYS A 159 7.87 3.68 6.04
CA LYS A 159 7.08 4.37 7.07
C LYS A 159 5.75 4.89 6.53
N LEU A 160 5.08 4.12 5.66
CA LEU A 160 3.95 4.69 4.94
C LEU A 160 2.77 4.97 5.87
N GLU A 161 2.65 4.22 6.96
CA GLU A 161 1.54 4.40 7.87
C GLU A 161 1.65 5.72 8.64
N GLU A 162 2.85 6.26 8.80
CA GLU A 162 3.01 7.60 9.32
C GLU A 162 2.99 8.68 8.22
N LYS A 163 3.40 8.33 6.99
CA LYS A 163 3.48 9.32 5.91
C LYS A 163 2.09 9.66 5.39
N PHE A 164 1.21 8.66 5.31
CA PHE A 164 -0.14 8.93 4.79
C PHE A 164 -0.86 10.00 5.59
N PRO A 165 -0.96 9.94 6.93
CA PRO A 165 -1.62 11.05 7.63
C PRO A 165 -0.96 12.39 7.40
N GLN A 166 0.38 12.45 7.25
CA GLN A 166 0.95 13.78 7.07
C GLN A 166 0.65 14.34 5.67
N VAL A 167 0.65 13.52 4.63
CA VAL A 167 0.49 14.11 3.30
C VAL A 167 -0.97 14.14 2.86
N ALA A 168 -1.76 13.14 3.24
CA ALA A 168 -3.19 13.29 3.05
C ALA A 168 -3.65 14.55 3.77
N ALA A 169 -3.02 14.88 4.93
CA ALA A 169 -3.33 16.09 5.66
C ALA A 169 -2.71 17.34 5.04
N THR A 170 -1.75 17.21 4.14
CA THR A 170 -1.42 18.36 3.29
C THR A 170 -2.25 18.42 2.01
N GLY A 171 -3.27 17.56 1.86
CA GLY A 171 -4.10 17.61 0.68
C GLY A 171 -3.37 17.18 -0.57
N ASP A 172 -3.11 15.87 -0.66
CA ASP A 172 -2.15 15.20 -1.54
C ASP A 172 -2.13 13.74 -1.08
N GLY A 173 -1.13 12.92 -1.46
CA GLY A 173 -1.14 11.53 -1.04
C GLY A 173 -1.61 10.58 -2.15
N PRO A 174 -1.63 9.29 -1.87
CA PRO A 174 -2.05 8.32 -2.89
C PRO A 174 -3.57 8.29 -2.97
N ASP A 175 -4.07 7.63 -4.02
CA ASP A 175 -5.52 7.43 -4.10
C ASP A 175 -5.97 6.31 -3.18
N ILE A 176 -5.17 5.26 -3.07
CA ILE A 176 -5.55 4.10 -2.26
C ILE A 176 -4.39 3.82 -1.32
N ILE A 177 -4.70 3.56 -0.04
CA ILE A 177 -3.66 3.22 0.93
C ILE A 177 -3.97 1.87 1.56
N PHE A 178 -2.99 0.96 1.55
CA PHE A 178 -3.14 -0.34 2.22
C PHE A 178 -2.40 -0.30 3.56
N TRP A 179 -3.04 -0.84 4.59
CA TRP A 179 -2.38 -1.07 5.87
C TRP A 179 -3.28 -2.01 6.65
N ALA A 180 -2.73 -2.61 7.72
CA ALA A 180 -3.63 -3.26 8.65
C ALA A 180 -4.68 -2.26 9.14
N HIS A 181 -5.86 -2.78 9.49
CA HIS A 181 -7.02 -1.97 9.89
C HIS A 181 -6.74 -1.12 11.14
N ASP A 182 -5.70 -1.43 11.91
CA ASP A 182 -5.58 -0.74 13.21
C ASP A 182 -5.33 0.75 13.05
N ARG A 183 -4.62 1.17 12.00
CA ARG A 183 -4.33 2.59 11.79
C ARG A 183 -5.53 3.39 11.24
N PHE A 184 -6.52 2.71 10.66
CA PHE A 184 -7.50 3.44 9.85
C PHE A 184 -8.44 4.28 10.70
N GLY A 185 -8.70 3.87 11.93
CA GLY A 185 -9.53 4.68 12.81
C GLY A 185 -8.96 6.06 12.99
N GLY A 186 -7.64 6.15 13.18
CA GLY A 186 -7.04 7.47 13.33
C GLY A 186 -7.17 8.28 12.05
N TYR A 187 -7.01 7.64 10.89
CA TYR A 187 -7.17 8.35 9.61
C TYR A 187 -8.60 8.86 9.45
N ALA A 188 -9.59 8.07 9.92
CA ALA A 188 -10.98 8.46 9.73
C ALA A 188 -11.38 9.58 10.68
N GLN A 189 -10.94 9.48 11.94
CA GLN A 189 -11.11 10.59 12.88
C GLN A 189 -10.63 11.92 12.29
N SER A 190 -9.51 11.90 11.59
CA SER A 190 -8.94 13.08 10.95
C SER A 190 -9.65 13.44 9.65
N GLY A 191 -10.61 12.63 9.21
CA GLY A 191 -11.31 12.89 7.97
C GLY A 191 -10.44 12.71 6.75
N LEU A 192 -9.49 11.79 6.78
CA LEU A 192 -8.63 11.60 5.63
C LEU A 192 -9.08 10.48 4.72
N LEU A 193 -10.17 9.77 5.08
CA LEU A 193 -10.67 8.63 4.32
C LEU A 193 -12.05 8.94 3.74
N ALA A 194 -12.26 8.53 2.48
CA ALA A 194 -13.61 8.51 1.91
C ALA A 194 -14.45 7.41 2.54
N GLU A 195 -15.75 7.66 2.70
CA GLU A 195 -16.63 6.56 3.02
C GLU A 195 -16.77 5.70 1.78
N ILE A 196 -16.74 4.40 1.95
CA ILE A 196 -16.80 3.55 0.78
C ILE A 196 -18.22 3.03 0.68
N THR A 197 -18.64 2.66 -0.52
CA THR A 197 -20.06 2.38 -0.74
C THR A 197 -20.28 1.03 -1.44
N PRO A 198 -19.75 -0.06 -0.90
CA PRO A 198 -20.07 -1.36 -1.48
C PRO A 198 -21.53 -1.70 -1.24
N ASP A 199 -22.19 -2.24 -2.26
CA ASP A 199 -23.57 -2.64 -2.06
C ASP A 199 -23.60 -3.95 -1.28
N LYS A 200 -24.83 -4.39 -0.96
CA LYS A 200 -25.02 -5.53 -0.06
C LYS A 200 -24.52 -6.81 -0.72
N ALA A 201 -24.75 -6.95 -2.02
CA ALA A 201 -24.26 -8.10 -2.75
C ALA A 201 -22.75 -8.20 -2.68
N PHE A 202 -22.08 -7.05 -2.71
CA PHE A 202 -20.63 -7.10 -2.61
C PHE A 202 -20.19 -7.40 -1.19
N GLN A 203 -20.85 -6.79 -0.20
CA GLN A 203 -20.54 -7.09 1.19
C GLN A 203 -20.66 -8.59 1.49
N ASP A 204 -21.65 -9.26 0.91
CA ASP A 204 -21.85 -10.68 1.19
C ASP A 204 -20.68 -11.52 0.72
N LYS A 205 -19.83 -10.99 -0.17
CA LYS A 205 -18.71 -11.76 -0.70
C LYS A 205 -17.60 -11.92 0.32
N LEU A 206 -17.58 -11.13 1.39
CA LEU A 206 -16.51 -11.22 2.38
C LEU A 206 -17.03 -11.59 3.77
N TYR A 207 -16.15 -12.21 4.56
CA TYR A 207 -16.53 -12.68 5.89
C TYR A 207 -16.91 -11.50 6.78
N PRO A 208 -18.02 -11.59 7.52
CA PRO A 208 -18.48 -10.42 8.30
C PRO A 208 -17.48 -9.82 9.27
N PHE A 209 -16.67 -10.62 9.96
CA PHE A 209 -15.76 -10.03 10.94
C PHE A 209 -14.72 -9.13 10.27
N THR A 210 -14.40 -9.33 9.00
CA THR A 210 -13.44 -8.44 8.34
C THR A 210 -14.07 -7.07 8.09
N TRP A 211 -15.33 -7.06 7.65
CA TRP A 211 -16.10 -5.82 7.59
C TRP A 211 -16.10 -5.13 8.95
N ASP A 212 -16.28 -5.91 10.03
CA ASP A 212 -16.27 -5.29 11.35
C ASP A 212 -14.95 -4.61 11.63
N ALA A 213 -13.85 -5.21 11.14
CA ALA A 213 -12.53 -4.64 11.38
C ALA A 213 -12.39 -3.29 10.70
N VAL A 214 -13.07 -3.09 9.56
CA VAL A 214 -12.97 -1.79 8.88
C VAL A 214 -14.23 -0.93 9.09
N ARG A 215 -14.90 -1.10 10.22
CA ARG A 215 -16.03 -0.26 10.59
C ARG A 215 -15.59 0.75 11.63
N TYR A 216 -15.83 2.03 11.36
CA TYR A 216 -15.49 3.05 12.35
C TYR A 216 -16.63 4.06 12.43
N ASN A 217 -17.13 4.28 13.65
CA ASN A 217 -18.21 5.20 13.91
C ASN A 217 -19.46 4.81 13.12
N GLY A 218 -19.68 3.49 12.99
CA GLY A 218 -20.78 2.95 12.20
C GLY A 218 -20.61 3.00 10.70
N LYS A 219 -19.48 3.49 10.20
CA LYS A 219 -19.21 3.66 8.77
C LYS A 219 -18.17 2.65 8.30
N LEU A 220 -18.36 2.11 7.10
CA LEU A 220 -17.30 1.37 6.43
C LEU A 220 -16.29 2.36 5.88
N ILE A 221 -15.04 2.26 6.34
CA ILE A 221 -14.01 3.21 5.98
C ILE A 221 -12.88 2.57 5.19
N ALA A 222 -13.01 1.32 4.78
CA ALA A 222 -11.97 0.72 3.96
C ALA A 222 -12.48 -0.65 3.55
N TYR A 223 -11.81 -1.22 2.54
CA TYR A 223 -12.12 -2.56 2.08
C TYR A 223 -11.22 -3.56 2.78
N PRO A 224 -11.76 -4.54 3.47
CA PRO A 224 -10.91 -5.56 4.05
C PRO A 224 -10.39 -6.47 2.96
N ILE A 225 -9.14 -6.88 3.10
CA ILE A 225 -8.50 -7.69 2.08
C ILE A 225 -8.12 -9.06 2.61
N ALA A 226 -7.46 -9.10 3.78
CA ALA A 226 -6.98 -10.40 4.20
C ALA A 226 -6.65 -10.39 5.69
N VAL A 227 -6.68 -11.57 6.30
CA VAL A 227 -6.46 -11.70 7.75
C VAL A 227 -5.06 -12.25 8.03
N GLU A 228 -4.29 -11.49 8.82
CA GLU A 228 -2.88 -11.76 9.10
C GLU A 228 -2.70 -12.09 10.57
N ALA A 229 -1.95 -13.16 10.84
CA ALA A 229 -1.44 -13.39 12.18
C ALA A 229 -0.07 -14.05 12.12
N LEU A 230 0.78 -13.71 13.09
CA LEU A 230 2.10 -14.32 13.23
C LEU A 230 2.01 -15.82 13.53
N SER A 231 2.99 -16.57 13.02
CA SER A 231 3.11 -18.01 13.22
C SER A 231 4.57 -18.37 13.52
N LEU A 232 4.75 -19.52 14.16
CA LEU A 232 6.09 -20.07 14.36
C LEU A 232 6.53 -20.79 13.09
N ILE A 233 7.62 -20.34 12.48
CA ILE A 233 8.15 -21.00 11.29
C ILE A 233 9.46 -21.67 11.66
N TYR A 234 9.65 -22.92 11.21
CA TYR A 234 10.80 -23.71 11.63
C TYR A 234 11.37 -24.47 10.44
N ASN A 235 12.64 -24.83 10.58
CA ASN A 235 13.38 -25.60 9.59
C ASN A 235 13.19 -27.08 9.91
N LYS A 236 12.42 -27.80 9.07
CA LYS A 236 12.12 -29.20 9.34
C LYS A 236 13.36 -30.09 9.36
N ASP A 237 14.44 -29.68 8.70
CA ASP A 237 15.68 -30.45 8.75
C ASP A 237 16.42 -30.21 10.05
N LEU A 238 16.69 -28.94 10.38
CA LEU A 238 17.36 -28.59 11.63
C LEU A 238 16.56 -29.08 12.84
N LEU A 239 15.24 -29.02 12.76
CA LEU A 239 14.37 -29.24 13.92
C LEU A 239 13.13 -29.96 13.43
N PRO A 240 13.19 -31.30 13.34
CA PRO A 240 12.01 -32.03 12.87
C PRO A 240 10.76 -31.74 13.68
N ASN A 241 10.88 -31.68 15.00
CA ASN A 241 9.77 -31.41 15.91
C ASN A 241 10.03 -30.12 16.64
N PRO A 242 9.38 -29.03 16.27
CA PRO A 242 9.61 -27.74 16.92
C PRO A 242 9.07 -27.76 18.34
N PRO A 243 9.55 -26.85 19.19
CA PRO A 243 9.15 -26.90 20.61
C PRO A 243 7.77 -26.32 20.79
N LYS A 244 7.06 -26.82 21.81
CA LYS A 244 5.72 -26.35 22.12
C LYS A 244 5.70 -25.20 23.11
N THR A 245 6.80 -24.93 23.80
CA THR A 245 6.82 -23.92 24.87
C THR A 245 7.99 -22.97 24.64
N TRP A 246 7.79 -21.70 24.96
CA TRP A 246 8.89 -20.74 25.02
C TRP A 246 9.96 -21.21 26.00
N GLU A 247 9.55 -21.92 27.04
CA GLU A 247 10.48 -22.37 28.08
C GLU A 247 11.53 -23.35 27.55
N GLU A 248 11.24 -24.09 26.48
CA GLU A 248 12.18 -25.03 25.87
C GLU A 248 13.28 -24.36 25.06
N ILE A 249 13.20 -23.06 24.83
CA ILE A 249 14.00 -22.49 23.74
C ILE A 249 15.46 -22.34 24.16
N PRO A 250 15.77 -21.92 25.39
CA PRO A 250 17.19 -21.88 25.80
C PRO A 250 17.98 -23.17 25.60
N ALA A 251 17.44 -24.32 26.02
CA ALA A 251 18.20 -25.56 25.91
C ALA A 251 18.36 -26.00 24.47
N LEU A 252 17.32 -25.80 23.67
CA LEU A 252 17.43 -25.99 22.23
C LEU A 252 18.53 -25.12 21.65
N ASP A 253 18.61 -23.86 22.08
CA ASP A 253 19.63 -22.97 21.54
C ASP A 253 21.03 -23.41 21.96
N LYS A 254 21.17 -23.97 23.14
CA LYS A 254 22.48 -24.49 23.54
C LYS A 254 22.89 -25.69 22.69
N GLU A 255 21.96 -26.64 22.50
CA GLU A 255 22.21 -27.76 21.60
C GLU A 255 22.60 -27.28 20.20
N LEU A 256 21.96 -26.22 19.75
CA LEU A 256 22.18 -25.76 18.38
C LEU A 256 23.47 -24.97 18.24
N LYS A 257 23.78 -24.10 19.21
CA LYS A 257 25.02 -23.34 19.12
C LYS A 257 26.23 -24.23 19.26
N ALA A 258 26.11 -25.37 19.97
CA ALA A 258 27.18 -26.36 19.92
C ALA A 258 27.45 -26.81 18.49
N LYS A 259 26.45 -26.70 17.61
CA LYS A 259 26.60 -27.05 16.20
C LYS A 259 26.66 -25.82 15.28
N GLY A 260 26.89 -24.64 15.84
CA GLY A 260 27.08 -23.45 15.03
C GLY A 260 25.82 -22.79 14.53
N LYS A 261 24.67 -23.12 15.12
CA LYS A 261 23.38 -22.54 14.73
C LYS A 261 22.77 -21.83 15.95
N SER A 262 21.53 -21.37 15.81
CA SER A 262 20.79 -20.83 16.94
C SER A 262 19.35 -21.31 16.85
N ALA A 263 18.62 -21.20 17.96
CA ALA A 263 17.24 -21.68 18.00
C ALA A 263 16.30 -20.74 17.25
N LEU A 264 16.33 -19.47 17.59
CA LEU A 264 15.24 -18.57 17.27
C LEU A 264 15.78 -17.18 16.97
N MET A 265 15.29 -16.58 15.88
CA MET A 265 15.54 -15.19 15.56
C MET A 265 14.32 -14.59 14.91
N PHE A 266 13.89 -13.44 15.43
CA PHE A 266 12.79 -12.71 14.84
C PHE A 266 12.99 -11.24 15.14
N ASN A 267 12.14 -10.41 14.53
CA ASN A 267 12.24 -8.96 14.62
C ASN A 267 11.94 -8.49 16.04
N LEU A 268 12.93 -7.87 16.69
CA LEU A 268 12.78 -7.30 18.02
C LEU A 268 12.59 -5.79 18.00
N GLN A 269 12.55 -5.17 16.82
CA GLN A 269 12.44 -3.72 16.74
C GLN A 269 11.01 -3.24 16.62
N GLU A 270 10.09 -4.13 16.23
CA GLU A 270 8.69 -3.80 16.09
C GLU A 270 7.90 -4.60 17.12
N PRO A 271 7.14 -3.93 18.00
CA PRO A 271 6.43 -4.65 19.08
C PRO A 271 5.35 -5.58 18.57
N TYR A 272 4.96 -5.48 17.31
CA TYR A 272 4.04 -6.47 16.74
C TYR A 272 4.55 -7.89 16.94
N PHE A 273 5.88 -8.08 16.88
CA PHE A 273 6.44 -9.42 16.94
C PHE A 273 6.66 -9.90 18.37
N THR A 274 6.84 -8.99 19.32
CA THR A 274 7.02 -9.34 20.72
C THR A 274 5.71 -9.28 21.49
N TRP A 275 4.67 -8.69 20.90
CA TRP A 275 3.38 -8.64 21.58
C TRP A 275 2.81 -10.02 21.93
N PRO A 276 2.86 -11.05 21.07
CA PRO A 276 2.16 -12.30 21.43
C PRO A 276 2.68 -12.92 22.70
N LEU A 277 3.97 -12.75 23.01
CA LEU A 277 4.56 -13.22 24.26
C LEU A 277 4.18 -12.32 25.44
N ILE A 278 4.04 -11.02 25.20
CA ILE A 278 3.66 -10.10 26.26
C ILE A 278 2.20 -10.28 26.65
N ALA A 279 1.33 -10.50 25.67
CA ALA A 279 -0.09 -10.66 25.97
C ALA A 279 -0.39 -12.03 26.59
N ALA A 280 0.53 -12.98 26.42
CA ALA A 280 0.18 -14.39 26.61
C ALA A 280 -0.32 -14.65 28.04
N ASP A 281 0.40 -14.13 29.05
CA ASP A 281 0.06 -14.29 30.46
C ASP A 281 -0.79 -13.13 31.01
N GLY A 282 -1.34 -12.27 30.17
CA GLY A 282 -2.20 -11.23 30.72
C GLY A 282 -2.08 -9.84 30.12
N GLY A 283 -0.97 -9.55 29.45
CA GLY A 283 -0.84 -8.24 28.83
C GLY A 283 -1.96 -7.97 27.86
N TYR A 284 -2.40 -6.71 27.80
CA TYR A 284 -3.39 -6.30 26.81
C TYR A 284 -3.26 -4.82 26.48
N ALA A 285 -3.87 -4.43 25.36
CA ALA A 285 -3.86 -3.03 24.94
C ALA A 285 -4.93 -2.25 25.68
N PHE A 286 -6.15 -2.23 25.14
CA PHE A 286 -7.26 -1.52 25.75
C PHE A 286 -8.35 -2.53 26.10
N LYS A 287 -8.90 -2.43 27.30
CA LYS A 287 -9.96 -3.35 27.71
C LYS A 287 -11.26 -2.97 26.99
N TYR A 288 -11.90 -3.95 26.35
CA TYR A 288 -13.13 -3.72 25.62
C TYR A 288 -14.31 -4.25 26.44
N GLU A 289 -15.36 -3.43 26.56
CA GLU A 289 -16.54 -3.84 27.29
C GLU A 289 -17.65 -2.83 27.04
N ASN A 290 -18.90 -3.28 27.21
CA ASN A 290 -20.08 -2.46 26.96
C ASN A 290 -19.97 -1.76 25.61
N GLY A 291 -19.55 -2.53 24.60
CA GLY A 291 -19.47 -2.05 23.23
C GLY A 291 -18.47 -0.96 22.95
N LYS A 292 -17.55 -0.67 23.89
CA LYS A 292 -16.56 0.36 23.65
C LYS A 292 -15.22 -0.11 24.19
N TYR A 293 -14.13 0.38 23.58
CA TYR A 293 -12.83 0.25 24.22
C TYR A 293 -12.70 1.32 25.28
N ASP A 294 -12.24 0.92 26.46
CA ASP A 294 -12.02 1.86 27.56
C ASP A 294 -10.58 2.35 27.48
N ILE A 295 -10.39 3.58 27.02
CA ILE A 295 -9.04 4.09 26.79
C ILE A 295 -8.33 4.44 28.09
N LYS A 296 -9.05 4.59 29.20
CA LYS A 296 -8.43 4.78 30.50
C LYS A 296 -8.00 3.47 31.15
N ASP A 297 -8.16 2.33 30.48
CA ASP A 297 -7.87 1.00 31.02
C ASP A 297 -6.87 0.32 30.10
N VAL A 298 -5.60 0.63 30.29
CA VAL A 298 -4.52 0.11 29.46
C VAL A 298 -3.80 -0.98 30.25
N GLY A 299 -3.66 -2.16 29.64
CA GLY A 299 -3.09 -3.28 30.36
C GLY A 299 -1.65 -3.58 30.01
N VAL A 300 -0.83 -2.53 29.90
CA VAL A 300 0.56 -2.73 29.51
C VAL A 300 1.51 -2.84 30.70
N ASP A 301 1.05 -2.53 31.91
CA ASP A 301 1.92 -2.55 33.08
C ASP A 301 1.50 -3.60 34.11
N ASN A 302 0.73 -4.62 33.71
CA ASN A 302 0.34 -5.66 34.64
C ASN A 302 1.37 -6.79 34.65
N ALA A 303 1.16 -7.76 35.56
CA ALA A 303 2.14 -8.81 35.80
C ALA A 303 2.30 -9.76 34.61
N GLY A 304 1.25 -9.98 33.81
CA GLY A 304 1.43 -10.83 32.63
C GLY A 304 2.33 -10.20 31.58
N ALA A 305 2.13 -8.91 31.32
CA ALA A 305 3.01 -8.22 30.38
C ALA A 305 4.44 -8.23 30.89
N LYS A 306 4.63 -7.97 32.19
CA LYS A 306 5.98 -7.95 32.72
C LYS A 306 6.61 -9.34 32.65
N ALA A 307 5.83 -10.40 32.84
CA ALA A 307 6.42 -11.74 32.79
C ALA A 307 6.85 -12.09 31.36
N GLY A 308 6.03 -11.74 30.38
CA GLY A 308 6.42 -11.96 29.00
C GLY A 308 7.66 -11.17 28.60
N LEU A 309 7.68 -9.89 28.96
CA LEU A 309 8.84 -9.08 28.60
C LEU A 309 10.09 -9.54 29.33
N THR A 310 9.98 -9.81 30.62
CA THR A 310 11.15 -10.29 31.34
C THR A 310 11.69 -11.57 30.72
N PHE A 311 10.80 -12.47 30.28
CA PHE A 311 11.28 -13.67 29.59
C PHE A 311 12.07 -13.31 28.33
N LEU A 312 11.54 -12.40 27.50
CA LEU A 312 12.25 -11.98 26.30
C LEU A 312 13.62 -11.41 26.64
N VAL A 313 13.65 -10.48 27.60
CA VAL A 313 14.89 -9.84 28.03
C VAL A 313 15.87 -10.87 28.55
N ASP A 314 15.37 -11.88 29.28
CA ASP A 314 16.23 -12.95 29.76
C ASP A 314 16.85 -13.71 28.60
N LEU A 315 16.05 -14.03 27.58
CA LEU A 315 16.61 -14.62 26.38
C LEU A 315 17.76 -13.79 25.83
N ILE A 316 17.58 -12.46 25.78
CA ILE A 316 18.65 -11.59 25.32
C ILE A 316 19.86 -11.64 26.27
N LYS A 317 19.63 -11.59 27.57
CA LYS A 317 20.73 -11.57 28.53
C LYS A 317 21.58 -12.83 28.42
N ASN A 318 20.95 -13.99 28.23
CA ASN A 318 21.65 -15.26 28.11
C ASN A 318 22.22 -15.50 26.72
N LYS A 319 22.15 -14.50 25.84
CA LYS A 319 22.73 -14.54 24.49
C LYS A 319 22.09 -15.64 23.64
N HIS A 320 20.80 -15.89 23.86
CA HIS A 320 20.00 -16.70 22.95
C HIS A 320 19.40 -15.88 21.82
N MET A 321 19.21 -14.58 22.05
CA MET A 321 18.83 -13.62 21.03
C MET A 321 19.70 -12.39 21.20
N ASN A 322 19.62 -11.50 20.23
CA ASN A 322 20.40 -10.27 20.26
C ASN A 322 19.46 -9.10 20.01
N ALA A 323 19.53 -8.11 20.92
CA ALA A 323 18.61 -6.98 20.94
C ALA A 323 18.56 -6.25 19.60
N ASP A 324 19.60 -6.37 18.79
CA ASP A 324 19.68 -5.63 17.54
C ASP A 324 19.02 -6.33 16.38
N THR A 325 18.60 -7.58 16.53
CA THR A 325 17.98 -8.30 15.42
C THR A 325 16.70 -7.60 14.99
N ASP A 326 16.59 -7.31 13.69
CA ASP A 326 15.39 -6.73 13.11
C ASP A 326 14.82 -7.69 12.05
N TYR A 327 13.91 -7.17 11.22
CA TYR A 327 13.24 -8.03 10.24
C TYR A 327 14.25 -8.66 9.29
N SER A 328 15.19 -7.86 8.79
CA SER A 328 16.04 -8.32 7.69
C SER A 328 17.09 -9.27 8.19
N ILE A 329 17.69 -8.97 9.34
CA ILE A 329 18.65 -9.88 9.98
C ILE A 329 18.00 -11.24 10.26
N ALA A 330 16.79 -11.23 10.83
CA ALA A 330 16.16 -12.52 11.14
C ALA A 330 15.79 -13.27 9.88
N GLU A 331 15.27 -12.57 8.87
CA GLU A 331 14.91 -13.24 7.64
C GLU A 331 16.13 -13.87 6.98
N ALA A 332 17.23 -13.12 6.89
CA ALA A 332 18.42 -13.63 6.25
C ALA A 332 18.97 -14.82 7.02
N ALA A 333 18.97 -14.74 8.35
CA ALA A 333 19.47 -15.87 9.14
C ALA A 333 18.62 -17.11 8.95
N PHE A 334 17.29 -16.97 8.93
CA PHE A 334 16.45 -18.15 8.75
C PHE A 334 16.61 -18.72 7.34
N ASN A 335 16.52 -17.88 6.32
CA ASN A 335 16.50 -18.39 4.96
C ASN A 335 17.86 -18.94 4.51
N LYS A 336 18.95 -18.60 5.21
CA LYS A 336 20.25 -19.24 5.03
C LYS A 336 20.46 -20.48 5.90
N GLY A 337 19.47 -20.87 6.70
CA GLY A 337 19.65 -22.05 7.53
C GLY A 337 20.56 -21.87 8.73
N GLU A 338 20.74 -20.63 9.20
CA GLU A 338 21.61 -20.38 10.35
C GLU A 338 20.88 -20.51 11.68
N THR A 339 19.57 -20.33 11.68
CA THR A 339 18.75 -20.43 12.88
C THR A 339 17.60 -21.39 12.59
N ALA A 340 17.16 -22.10 13.62
CA ALA A 340 16.19 -23.16 13.41
C ALA A 340 14.76 -22.62 13.27
N MET A 341 14.47 -21.46 13.85
CA MET A 341 13.09 -20.95 13.90
C MET A 341 13.10 -19.43 13.73
N THR A 342 11.96 -18.92 13.27
CA THR A 342 11.68 -17.49 13.26
C THR A 342 10.18 -17.29 13.48
N ILE A 343 9.77 -16.03 13.64
CA ILE A 343 8.36 -15.71 13.88
C ILE A 343 7.94 -14.70 12.82
N ASN A 344 6.89 -15.01 12.06
CA ASN A 344 6.54 -14.09 10.98
C ASN A 344 5.13 -14.39 10.47
N GLY A 345 4.66 -13.54 9.56
CA GLY A 345 3.38 -13.76 8.93
C GLY A 345 3.46 -14.28 7.50
N PRO A 346 2.28 -14.44 6.88
CA PRO A 346 2.20 -15.08 5.56
C PRO A 346 3.06 -14.44 4.48
N TRP A 347 3.26 -13.12 4.52
CA TRP A 347 4.06 -12.45 3.50
C TRP A 347 5.48 -13.00 3.41
N ALA A 348 6.00 -13.61 4.48
CA ALA A 348 7.38 -14.08 4.46
C ALA A 348 7.56 -15.42 3.74
N TRP A 349 6.47 -16.19 3.58
CA TRP A 349 6.64 -17.53 3.02
C TRP A 349 7.36 -17.51 1.67
N SER A 350 6.99 -16.57 0.78
CA SER A 350 7.62 -16.46 -0.54
C SER A 350 9.14 -16.58 -0.46
N ASN A 351 9.77 -15.78 0.40
CA ASN A 351 11.22 -15.75 0.34
C ASN A 351 11.79 -17.07 0.81
N ILE A 352 11.15 -17.70 1.81
CA ILE A 352 11.61 -19.01 2.27
C ILE A 352 11.55 -20.01 1.13
N ASP A 353 10.51 -19.94 0.28
CA ASP A 353 10.42 -20.86 -0.83
C ASP A 353 11.65 -20.75 -1.72
N THR A 354 12.06 -19.51 -2.00
CA THR A 354 13.23 -19.31 -2.85
C THR A 354 14.49 -19.83 -2.18
N SER A 355 14.54 -19.77 -0.84
CA SER A 355 15.68 -20.19 -0.05
C SER A 355 15.93 -21.68 -0.11
N LYS A 356 14.97 -22.45 -0.64
CA LYS A 356 14.98 -23.91 -0.66
C LYS A 356 14.94 -24.53 0.74
N VAL A 357 14.71 -23.74 1.79
CA VAL A 357 14.62 -24.32 3.14
C VAL A 357 13.34 -25.13 3.24
N ASN A 358 13.46 -26.36 3.71
CA ASN A 358 12.29 -27.18 4.00
C ASN A 358 11.75 -26.71 5.34
N TYR A 359 10.72 -25.90 5.30
CA TYR A 359 10.19 -25.29 6.51
C TYR A 359 8.77 -25.77 6.77
N GLY A 360 8.37 -25.68 8.04
CA GLY A 360 6.97 -25.80 8.44
C GLY A 360 6.45 -24.56 9.17
N VAL A 361 5.13 -24.39 9.18
CA VAL A 361 4.47 -23.24 9.78
C VAL A 361 3.51 -23.80 10.84
N THR A 362 3.56 -23.28 12.06
CA THR A 362 2.78 -23.93 13.11
C THR A 362 2.44 -22.95 14.23
N VAL A 363 1.79 -23.52 15.25
CA VAL A 363 1.32 -22.79 16.43
C VAL A 363 2.47 -22.12 17.16
N LEU A 364 2.26 -20.88 17.57
CA LEU A 364 3.22 -20.19 18.41
C LEU A 364 3.41 -20.97 19.71
N PRO A 365 4.58 -20.88 20.32
CA PRO A 365 4.78 -21.58 21.58
C PRO A 365 3.97 -20.93 22.68
N THR A 366 3.72 -21.72 23.72
CA THR A 366 3.03 -21.31 24.92
C THR A 366 4.00 -20.69 25.91
N PHE A 367 3.49 -19.79 26.75
CA PHE A 367 4.26 -19.17 27.81
C PHE A 367 3.46 -19.33 29.09
N LYS A 368 4.08 -19.94 30.10
CA LYS A 368 3.39 -20.31 31.35
C LYS A 368 2.08 -21.03 31.03
N GLY A 369 2.12 -21.91 30.03
CA GLY A 369 1.01 -22.76 29.69
C GLY A 369 -0.11 -22.10 28.93
N GLN A 370 0.04 -20.84 28.58
CA GLN A 370 -0.95 -20.07 27.88
C GLN A 370 -0.53 -19.89 26.43
N PRO A 371 -1.46 -19.96 25.48
CA PRO A 371 -1.09 -19.63 24.10
C PRO A 371 -0.53 -18.22 24.00
N SER A 372 0.48 -18.04 23.16
CA SER A 372 0.83 -16.70 22.71
C SER A 372 -0.38 -16.11 21.99
N LYS A 373 -0.59 -14.81 22.17
CA LYS A 373 -1.78 -14.12 21.70
C LYS A 373 -1.37 -13.06 20.70
N PRO A 374 -1.21 -13.40 19.43
CA PRO A 374 -0.81 -12.39 18.46
C PRO A 374 -1.96 -11.42 18.19
N PHE A 375 -1.60 -10.15 17.96
CA PHE A 375 -2.56 -9.16 17.50
C PHE A 375 -2.88 -9.38 16.02
N VAL A 376 -4.15 -9.51 15.70
CA VAL A 376 -4.59 -9.99 14.41
C VAL A 376 -4.88 -8.76 13.55
N GLY A 377 -4.23 -8.67 12.39
CA GLY A 377 -4.41 -7.53 11.51
C GLY A 377 -5.29 -7.92 10.34
N VAL A 378 -6.11 -6.98 9.87
CA VAL A 378 -6.87 -7.14 8.65
C VAL A 378 -6.28 -6.15 7.66
N LEU A 379 -5.47 -6.67 6.74
CA LEU A 379 -4.96 -5.83 5.68
C LEU A 379 -6.15 -5.23 4.93
N SER A 380 -6.21 -3.89 4.88
CA SER A 380 -7.34 -3.11 4.38
C SER A 380 -6.87 -2.01 3.42
N ALA A 381 -7.77 -1.60 2.53
CA ALA A 381 -7.48 -0.57 1.52
C ALA A 381 -8.46 0.59 1.68
N GLY A 382 -7.97 1.76 2.06
CA GLY A 382 -8.83 2.93 2.18
C GLY A 382 -8.65 3.82 0.95
N ILE A 383 -9.69 4.62 0.65
CA ILE A 383 -9.64 5.61 -0.42
C ILE A 383 -9.37 6.95 0.22
N ASN A 384 -8.31 7.63 -0.21
CA ASN A 384 -7.94 8.95 0.29
C ASN A 384 -9.10 9.92 0.09
N ALA A 385 -9.44 10.68 1.13
CA ALA A 385 -10.54 11.63 1.00
C ALA A 385 -10.24 12.71 -0.02
N ALA A 386 -8.97 13.03 -0.20
CA ALA A 386 -8.51 14.04 -1.13
C ALA A 386 -8.31 13.49 -2.54
N SER A 387 -8.53 12.19 -2.76
CA SER A 387 -8.31 11.62 -4.08
C SER A 387 -9.30 12.24 -5.07
N PRO A 388 -8.85 12.68 -6.25
CA PRO A 388 -9.77 13.05 -7.31
C PRO A 388 -10.20 11.86 -8.15
N ASN A 389 -9.91 10.63 -7.67
CA ASN A 389 -10.06 9.39 -8.43
C ASN A 389 -10.90 8.35 -7.69
N LYS A 390 -11.86 8.80 -6.88
CA LYS A 390 -12.51 7.85 -5.97
C LYS A 390 -13.33 6.80 -6.71
N GLU A 391 -13.93 7.14 -7.87
CA GLU A 391 -14.72 6.14 -8.57
C GLU A 391 -13.82 5.09 -9.21
N LEU A 392 -12.70 5.53 -9.77
CA LEU A 392 -11.74 4.58 -10.30
C LEU A 392 -11.21 3.68 -9.19
N ALA A 393 -10.87 4.26 -8.04
CA ALA A 393 -10.38 3.46 -6.92
C ALA A 393 -11.40 2.42 -6.52
N LYS A 394 -12.68 2.80 -6.50
CA LYS A 394 -13.72 1.84 -6.16
C LYS A 394 -13.77 0.71 -7.16
N GLU A 395 -13.81 1.05 -8.45
CA GLU A 395 -13.80 0.04 -9.52
C GLU A 395 -12.60 -0.90 -9.38
N PHE A 396 -11.41 -0.34 -9.16
CA PHE A 396 -10.21 -1.16 -8.96
C PHE A 396 -10.39 -2.14 -7.80
N LEU A 397 -10.74 -1.63 -6.62
CA LEU A 397 -10.79 -2.49 -5.43
C LEU A 397 -11.90 -3.54 -5.54
N GLU A 398 -13.10 -3.14 -5.97
CA GLU A 398 -14.20 -4.09 -6.00
C GLU A 398 -14.11 -5.06 -7.17
N ASN A 399 -13.86 -4.56 -8.37
CA ASN A 399 -14.01 -5.41 -9.54
C ASN A 399 -12.69 -5.95 -10.08
N TYR A 400 -11.55 -5.53 -9.51
CA TYR A 400 -10.25 -6.07 -9.93
C TYR A 400 -9.53 -6.77 -8.77
N LEU A 401 -9.25 -6.06 -7.68
CA LEU A 401 -8.49 -6.68 -6.61
C LEU A 401 -9.29 -7.75 -5.89
N LEU A 402 -10.50 -7.42 -5.45
CA LEU A 402 -11.31 -8.35 -4.67
C LEU A 402 -12.07 -9.32 -5.58
N THR A 403 -11.28 -10.10 -6.33
CA THR A 403 -11.75 -11.19 -7.17
C THR A 403 -10.80 -12.37 -6.95
N ASP A 404 -11.21 -13.57 -7.36
CA ASP A 404 -10.30 -14.70 -7.33
C ASP A 404 -8.99 -14.36 -8.04
N GLU A 405 -9.08 -13.77 -9.24
CA GLU A 405 -7.90 -13.56 -10.07
C GLU A 405 -6.99 -12.50 -9.47
N GLY A 406 -7.59 -11.46 -8.89
CA GLY A 406 -6.79 -10.38 -8.34
C GLY A 406 -6.05 -10.78 -7.08
N LEU A 407 -6.76 -11.43 -6.16
CA LEU A 407 -6.13 -11.89 -4.94
C LEU A 407 -5.12 -12.98 -5.24
N GLU A 408 -5.43 -13.88 -6.17
CA GLU A 408 -4.44 -14.87 -6.58
C GLU A 408 -3.16 -14.21 -7.07
N ALA A 409 -3.27 -13.13 -7.89
CA ALA A 409 -2.05 -12.54 -8.42
C ALA A 409 -1.24 -11.88 -7.31
N VAL A 410 -1.91 -11.25 -6.35
CA VAL A 410 -1.17 -10.73 -5.19
C VAL A 410 -0.59 -11.87 -4.35
N ASN A 411 -1.38 -12.91 -4.12
CA ASN A 411 -1.01 -14.00 -3.21
C ASN A 411 0.15 -14.80 -3.78
N LYS A 412 0.18 -14.98 -5.11
CA LYS A 412 1.33 -15.64 -5.71
C LYS A 412 2.61 -14.83 -5.56
N ASP A 413 2.51 -13.52 -5.28
CA ASP A 413 3.71 -12.72 -5.03
C ASP A 413 4.16 -12.93 -3.58
N LYS A 414 3.37 -12.44 -2.63
CA LYS A 414 3.60 -12.67 -1.21
C LYS A 414 2.26 -13.12 -0.65
N PRO A 415 2.20 -14.29 0.00
CA PRO A 415 0.92 -14.79 0.52
C PRO A 415 0.24 -13.79 1.42
N LEU A 416 -1.09 -13.69 1.28
CA LEU A 416 -1.91 -12.70 1.99
C LEU A 416 -2.36 -13.17 3.38
N GLY A 417 -2.46 -14.47 3.60
CA GLY A 417 -3.06 -15.00 4.80
C GLY A 417 -4.43 -15.53 4.49
N ALA A 418 -5.38 -15.36 5.41
CA ALA A 418 -6.75 -15.82 5.21
C ALA A 418 -7.51 -14.69 4.53
N VAL A 419 -7.70 -14.81 3.20
CA VAL A 419 -8.27 -13.68 2.45
C VAL A 419 -9.73 -13.46 2.84
N ALA A 420 -10.15 -12.19 2.79
CA ALA A 420 -11.50 -11.84 3.19
C ALA A 420 -12.52 -12.31 2.16
N LEU A 421 -12.09 -12.52 0.91
CA LEU A 421 -13.02 -12.98 -0.11
C LEU A 421 -13.29 -14.47 0.04
N LYS A 422 -14.53 -14.79 0.42
CA LYS A 422 -14.94 -16.16 0.74
C LYS A 422 -14.58 -17.15 -0.36
N SER A 423 -14.84 -16.78 -1.62
CA SER A 423 -14.64 -17.73 -2.71
C SER A 423 -13.18 -18.16 -2.80
N TYR A 424 -12.26 -17.22 -2.65
CA TYR A 424 -10.85 -17.56 -2.74
C TYR A 424 -10.33 -18.14 -1.43
N GLU A 425 -10.93 -17.74 -0.31
CA GLU A 425 -10.52 -18.30 0.97
C GLU A 425 -10.90 -19.77 1.10
N GLU A 426 -12.01 -20.18 0.49
CA GLU A 426 -12.32 -21.61 0.44
C GLU A 426 -11.24 -22.35 -0.34
N GLU A 427 -10.82 -21.79 -1.49
CA GLU A 427 -9.76 -22.41 -2.28
C GLU A 427 -8.47 -22.53 -1.48
N LEU A 428 -8.13 -21.48 -0.71
CA LEU A 428 -6.87 -21.45 0.04
C LEU A 428 -6.92 -22.16 1.40
N ALA A 429 -8.12 -22.50 1.90
CA ALA A 429 -8.22 -23.07 3.24
C ALA A 429 -7.43 -24.37 3.37
N LYS A 430 -7.29 -25.10 2.26
CA LYS A 430 -6.61 -26.39 2.26
C LYS A 430 -5.14 -26.29 2.65
N ASP A 431 -4.57 -25.10 2.68
CA ASP A 431 -3.13 -24.91 2.93
C ASP A 431 -2.83 -25.13 4.41
N PRO A 432 -1.90 -26.02 4.76
CA PRO A 432 -1.58 -26.20 6.19
C PRO A 432 -1.00 -24.95 6.82
N ARG A 433 -0.30 -24.10 6.04
CA ARG A 433 0.25 -22.85 6.57
C ARG A 433 -0.87 -21.86 6.90
N ILE A 434 -1.95 -21.87 6.12
CA ILE A 434 -3.07 -20.98 6.41
C ILE A 434 -3.89 -21.52 7.57
N ALA A 435 -3.99 -22.84 7.68
CA ALA A 435 -4.63 -23.42 8.85
C ALA A 435 -3.89 -23.02 10.13
N ALA A 436 -2.55 -23.03 10.11
CA ALA A 436 -1.82 -22.62 11.30
C ALA A 436 -1.93 -21.11 11.53
N THR A 437 -2.03 -20.32 10.44
CA THR A 437 -2.32 -18.90 10.58
C THR A 437 -3.65 -18.68 11.30
N MET A 438 -4.69 -19.41 10.90
CA MET A 438 -6.00 -19.23 11.50
C MET A 438 -6.02 -19.73 12.95
N GLU A 439 -5.25 -20.77 13.27
CA GLU A 439 -5.20 -21.22 14.66
C GLU A 439 -4.56 -20.17 15.56
N ASN A 440 -3.39 -19.66 15.16
CA ASN A 440 -2.74 -18.60 15.93
C ASN A 440 -3.62 -17.36 16.01
N ALA A 441 -4.35 -17.07 14.91
CA ALA A 441 -5.24 -15.91 14.89
C ALA A 441 -6.37 -16.05 15.89
N GLN A 442 -6.95 -17.24 16.01
CA GLN A 442 -8.08 -17.38 16.93
C GLN A 442 -7.62 -17.43 18.37
N LYS A 443 -6.38 -17.89 18.62
CA LYS A 443 -5.83 -17.75 19.97
C LYS A 443 -5.42 -16.32 20.31
N GLY A 444 -5.41 -15.40 19.36
CA GLY A 444 -5.06 -13.98 19.61
C GLY A 444 -6.28 -13.09 19.76
N GLU A 445 -6.13 -11.81 19.40
CA GLU A 445 -7.21 -10.84 19.45
C GLU A 445 -7.09 -9.87 18.28
N ILE A 446 -8.25 -9.46 17.74
CA ILE A 446 -8.28 -8.44 16.71
C ILE A 446 -7.72 -7.14 17.27
N MET A 447 -6.84 -6.49 16.53
CA MET A 447 -6.40 -5.16 16.94
C MET A 447 -7.61 -4.23 17.01
N PRO A 448 -7.66 -3.30 17.96
CA PRO A 448 -8.63 -2.21 17.87
C PRO A 448 -8.23 -1.29 16.73
N ASN A 449 -9.19 -0.49 16.28
CA ASN A 449 -8.88 0.53 15.29
C ASN A 449 -9.04 1.94 15.85
N ILE A 450 -9.06 2.10 17.16
CA ILE A 450 -9.34 3.42 17.72
C ILE A 450 -8.14 4.35 17.50
N PRO A 451 -8.34 5.67 17.48
CA PRO A 451 -7.24 6.58 17.10
C PRO A 451 -6.06 6.55 18.06
N GLN A 452 -6.25 6.01 19.26
CA GLN A 452 -5.17 5.92 20.22
C GLN A 452 -4.20 4.80 19.88
N MET A 453 -4.57 3.90 18.96
CA MET A 453 -3.68 2.79 18.59
C MET A 453 -2.26 3.27 18.26
N SER A 454 -2.14 4.33 17.49
CA SER A 454 -0.83 4.84 17.12
C SER A 454 0.02 5.07 18.37
N ALA A 455 -0.49 5.91 19.28
CA ALA A 455 0.26 6.20 20.50
C ALA A 455 0.58 4.91 21.24
N PHE A 456 -0.39 4.00 21.31
CA PHE A 456 -0.17 2.73 21.98
C PHE A 456 1.05 2.02 21.39
N TRP A 457 1.09 1.87 20.07
CA TRP A 457 2.23 1.18 19.45
C TRP A 457 3.53 1.95 19.66
N TYR A 458 3.46 3.28 19.70
CA TYR A 458 4.68 4.04 19.92
C TYR A 458 5.25 3.75 21.31
N ALA A 459 4.38 3.51 22.28
CA ALA A 459 4.84 3.32 23.65
C ALA A 459 5.46 1.94 23.81
N VAL A 460 4.71 0.91 23.38
CA VAL A 460 5.18 -0.46 23.51
C VAL A 460 6.51 -0.64 22.79
N ARG A 461 6.64 -0.08 21.58
CA ARG A 461 7.89 -0.15 20.85
C ARG A 461 9.01 0.39 21.71
N THR A 462 8.84 1.61 22.21
CA THR A 462 9.85 2.18 23.08
C THR A 462 10.15 1.20 24.21
N ALA A 463 9.09 0.74 24.90
CA ALA A 463 9.32 -0.05 26.11
C ALA A 463 10.05 -1.35 25.79
N VAL A 464 9.77 -1.94 24.62
CA VAL A 464 10.46 -3.18 24.28
C VAL A 464 11.93 -2.88 23.97
N ILE A 465 12.16 -1.86 23.13
CA ILE A 465 13.50 -1.60 22.64
C ILE A 465 14.41 -1.15 23.79
N ASN A 466 13.86 -0.39 24.74
CA ASN A 466 14.63 -0.03 25.93
C ASN A 466 14.93 -1.28 26.76
N ALA A 467 13.92 -2.12 27.02
CA ALA A 467 14.14 -3.23 27.94
C ALA A 467 15.11 -4.25 27.37
N ALA A 468 14.93 -4.60 26.08
CA ALA A 468 15.89 -5.47 25.40
C ALA A 468 17.29 -4.88 25.41
N SER A 469 17.42 -3.56 25.40
CA SER A 469 18.73 -2.94 25.30
C SER A 469 19.40 -2.76 26.64
N GLY A 470 18.64 -2.81 27.74
CA GLY A 470 19.17 -2.53 29.05
C GLY A 470 18.95 -1.11 29.54
N ARG A 471 18.62 -0.17 28.63
CA ARG A 471 18.40 1.23 29.02
C ARG A 471 17.44 1.35 30.19
N GLN A 472 16.39 0.53 30.22
CA GLN A 472 15.45 0.51 31.31
C GLN A 472 15.21 -0.92 31.76
N THR A 473 14.86 -1.08 33.03
CA THR A 473 14.31 -2.33 33.49
C THR A 473 12.95 -2.59 32.82
N VAL A 474 12.43 -3.79 33.03
CA VAL A 474 11.12 -4.13 32.45
C VAL A 474 10.02 -3.36 33.15
N ASP A 475 10.05 -3.30 34.48
CA ASP A 475 9.04 -2.55 35.22
C ASP A 475 9.06 -1.07 34.85
N GLU A 476 10.26 -0.46 34.80
CA GLU A 476 10.37 0.94 34.39
C GLU A 476 9.81 1.15 32.99
N ALA A 477 10.15 0.26 32.06
CA ALA A 477 9.72 0.41 30.68
C ALA A 477 8.20 0.32 30.57
N LEU A 478 7.60 -0.67 31.20
CA LEU A 478 6.15 -0.83 31.10
C LEU A 478 5.42 0.28 31.82
N LYS A 479 5.99 0.79 32.93
CA LYS A 479 5.40 1.94 33.60
C LYS A 479 5.39 3.16 32.70
N ASP A 480 6.54 3.44 32.04
CA ASP A 480 6.60 4.54 31.08
C ASP A 480 5.60 4.33 29.95
N ALA A 481 5.34 3.07 29.56
CA ALA A 481 4.39 2.82 28.48
C ALA A 481 2.94 2.94 28.92
N GLN A 482 2.64 2.72 30.20
CA GLN A 482 1.28 2.90 30.71
C GLN A 482 0.83 4.36 30.59
N THR A 483 1.72 5.29 30.86
CA THR A 483 1.51 6.73 30.70
C THR A 483 1.31 7.10 29.23
#